data_7F9S
#
_entry.id   7F9S
#
_cell.length_a   116.510
_cell.length_b   73.650
_cell.length_c   75.030
_cell.angle_alpha   90.000
_cell.angle_beta   111.390
_cell.angle_gamma   90.000
#
_symmetry.space_group_name_H-M   'C 1 2 1'
#
loop_
_entity.id
_entity.type
_entity.pdbx_description
1 polymer 'Prolyl-tRNA synthetase (ProRS)'
2 non-polymer 4-[(3S)-3-cyano-3-(1-methylcyclopropyl)-2-oxidanylidene-pyrrolidin-1-yl]-N-[[3-fluoranyl-5-(1-methylpyrazol-4-yl)phenyl]methyl]-6-methyl-pyridine-2-carboxamide
3 non-polymer 3-{3-[(2R,3S)-3-hydroxypiperidin-2-yl]-2-oxopropyl}quinazolin-4(3H)-one
4 non-polymer BICINE
5 non-polymer GLYCEROL
6 non-polymer BETA-MERCAPTOETHANOL
7 non-polymer 'FORMIC ACID'
8 water water
#
_entity_poly.entity_id   1
_entity_poly.type   'polypeptide(L)'
_entity_poly.pdbx_seq_one_letter_code
;GAMVTAKKDENFSEWYTQAIVRSEMIEYYDISGCYIMRPWAFHIWEKVQRFFDDEIKKMGVENSYFPMFVSRHKLEKEKD
HVEGFSPEVAWVTHYGDSPLPEKIAIRPTSETIMYPAYAKWIRSHRDLPLKLNQWCSVVRWEFKQPTPFLRTREFLWQEG
HTAHATEEEAWELVLDILELYRRWYEECLAVPVIKGEKSEGEKFAGGKKTTTVEAFIPENGRGIQAATSHLLGTNFAKMF
EIEFEDEEGHKRLVHQTSWGCTTRSLGVMIMTHGDDKGLVIPPRVASVQVVIIPILFKDENTGEILGKCRELKTMLEKAD
IRVRIDDRSNYTPGWKYNHWEVKGVPLRLELGPKDLAKGTARVVRRDTGEAYQISWADLAPKLLELMEGIQRSLFEKAKA
RLHEGIEKISTFDEVMPALNRKHLVLAPWCEDPESEEQIKKETQKLSEIQAIEAGDSEQVMTGAMKTLCIPFDQPPMPEG
TKCFYTGKPAKRWTLWGRSY
;
_entity_poly.pdbx_strand_id   A
#
loop_
_chem_comp.id
_chem_comp.type
_chem_comp.name
_chem_comp.formula
1TI non-polymer 4-[(3S)-3-cyano-3-(1-methylcyclopropyl)-2-oxidanylidene-pyrrolidin-1-yl]-N-[[3-fluoranyl-5-(1-methylpyrazol-4-yl)phenyl]methyl]-6-methyl-pyridine-2-carboxamide 'C27 H27 F N6 O2'
9SF non-polymer 3-{3-[(2R,3S)-3-hydroxypiperidin-2-yl]-2-oxopropyl}quinazolin-4(3H)-one 'C16 H19 N3 O3'
BCN non-polymer BICINE 'C6 H13 N O4'
BME non-polymer BETA-MERCAPTOETHANOL 'C2 H6 O S'
FMT non-polymer 'FORMIC ACID' 'C H2 O2'
GOL non-polymer GLYCEROL 'C3 H8 O3'
#
# COMPACT_ATOMS: atom_id res chain seq x y z
N THR A 5 7.60 -23.55 4.21
CA THR A 5 7.40 -24.35 5.41
C THR A 5 6.06 -24.03 6.07
N ALA A 6 5.88 -22.78 6.50
CA ALA A 6 4.63 -22.38 7.11
C ALA A 6 3.58 -22.16 6.02
N LYS A 7 2.40 -22.71 6.23
CA LYS A 7 1.32 -22.56 5.27
C LYS A 7 0.58 -21.24 5.51
N LYS A 8 0.19 -20.60 4.41
CA LYS A 8 -0.42 -19.28 4.51
C LYS A 8 -1.75 -19.32 5.26
N ASP A 9 -2.49 -20.41 5.14
CA ASP A 9 -3.80 -20.54 5.78
C ASP A 9 -3.72 -21.16 7.17
N GLU A 10 -2.52 -21.33 7.73
CA GLU A 10 -2.36 -21.87 9.07
C GLU A 10 -1.76 -20.77 9.91
N ASN A 11 -0.44 -20.67 10.02
CA ASN A 11 0.18 -19.59 10.80
C ASN A 11 0.59 -18.50 9.82
N PHE A 12 -0.30 -17.52 9.67
CA PHE A 12 -0.12 -16.48 8.67
C PHE A 12 1.09 -15.60 8.97
N SER A 13 1.35 -15.34 10.26
CA SER A 13 2.43 -14.42 10.61
C SER A 13 3.78 -15.06 10.35
N GLU A 14 3.96 -16.34 10.71
CA GLU A 14 5.21 -17.00 10.34
C GLU A 14 5.32 -17.19 8.83
N TRP A 15 4.21 -17.40 8.12
CA TRP A 15 4.28 -17.52 6.68
C TRP A 15 4.78 -16.20 6.07
N TYR A 16 4.30 -15.09 6.61
CA TYR A 16 4.67 -13.78 6.09
C TYR A 16 6.15 -13.49 6.37
N THR A 17 6.57 -13.74 7.61
CA THR A 17 7.99 -13.60 7.95
C THR A 17 8.87 -14.44 7.03
N GLN A 18 8.54 -15.72 6.85
CA GLN A 18 9.34 -16.55 5.95
C GLN A 18 9.34 -16.00 4.54
N ALA A 19 8.19 -15.61 4.03
CA ALA A 19 8.11 -15.15 2.65
C ALA A 19 9.05 -13.96 2.43
N ILE A 20 9.08 -13.02 3.36
CA ILE A 20 9.86 -11.80 3.11
C ILE A 20 11.31 -12.00 3.46
N VAL A 21 11.64 -12.93 4.37
CA VAL A 21 13.05 -13.16 4.67
C VAL A 21 13.69 -14.06 3.62
N ARG A 22 13.06 -15.20 3.31
CA ARG A 22 13.71 -16.15 2.42
C ARG A 22 13.82 -15.60 0.99
N SER A 23 12.95 -14.68 0.60
CA SER A 23 13.07 -14.01 -0.70
C SER A 23 14.07 -12.88 -0.70
N GLU A 24 14.66 -12.55 0.46
CA GLU A 24 15.68 -11.51 0.60
C GLU A 24 15.09 -10.12 0.38
N MET A 25 13.86 -9.93 0.86
CA MET A 25 13.26 -8.60 0.80
C MET A 25 13.65 -7.74 1.97
N ILE A 26 13.69 -8.31 3.17
CA ILE A 26 14.00 -7.55 4.36
C ILE A 26 15.12 -8.22 5.13
N GLU A 27 15.79 -7.42 5.93
CA GLU A 27 16.71 -7.91 6.94
C GLU A 27 16.37 -7.23 8.25
N TYR A 28 16.50 -8.00 9.33
CA TYR A 28 16.17 -7.52 10.65
C TYR A 28 17.24 -6.57 11.14
N TYR A 29 16.92 -5.85 12.21
CA TYR A 29 17.76 -4.76 12.67
C TYR A 29 17.66 -4.69 14.19
N ASP A 30 18.74 -4.22 14.84
CA ASP A 30 18.79 -4.30 16.30
C ASP A 30 17.88 -3.30 16.99
N ILE A 31 17.44 -2.24 16.31
CA ILE A 31 16.47 -1.31 16.85
C ILE A 31 15.09 -1.82 16.47
N SER A 32 14.31 -2.23 17.48
CA SER A 32 12.99 -2.80 17.24
C SER A 32 12.12 -1.86 16.42
N GLY A 33 11.34 -2.43 15.51
CA GLY A 33 10.44 -1.65 14.70
C GLY A 33 11.04 -1.06 13.45
N CYS A 34 12.34 -1.26 13.21
CA CYS A 34 13.00 -0.83 11.97
C CYS A 34 13.53 -2.05 11.25
N TYR A 35 13.44 -2.02 9.93
CA TYR A 35 13.90 -3.11 9.07
C TYR A 35 14.71 -2.57 7.91
N ILE A 36 15.68 -3.36 7.46
CA ILE A 36 16.43 -3.04 6.25
C ILE A 36 15.64 -3.47 5.03
N MET A 37 15.53 -2.58 4.03
CA MET A 37 14.90 -2.91 2.76
C MET A 37 16.00 -3.31 1.78
N ARG A 38 16.09 -4.62 1.47
CA ARG A 38 17.08 -5.13 0.54
C ARG A 38 16.62 -4.87 -0.88
N PRO A 39 17.51 -5.03 -1.88
CA PRO A 39 17.14 -4.67 -3.26
C PRO A 39 15.89 -5.35 -3.79
N TRP A 40 15.64 -6.61 -3.45
CA TRP A 40 14.49 -7.29 -4.04
C TRP A 40 13.18 -6.58 -3.70
N ALA A 41 13.09 -6.01 -2.50
CA ALA A 41 11.92 -5.19 -2.18
C ALA A 41 12.10 -3.76 -2.70
N PHE A 42 13.32 -3.24 -2.59
CA PHE A 42 13.50 -1.83 -2.96
C PHE A 42 13.22 -1.59 -4.44
N HIS A 43 13.53 -2.55 -5.31
CA HIS A 43 13.21 -2.40 -6.74
C HIS A 43 11.72 -2.19 -6.96
N ILE A 44 10.89 -2.86 -6.16
CA ILE A 44 9.44 -2.69 -6.30
C ILE A 44 9.02 -1.30 -5.82
N TRP A 45 9.62 -0.84 -4.70
CA TRP A 45 9.39 0.55 -4.28
C TRP A 45 9.75 1.54 -5.38
N GLU A 46 10.91 1.35 -6.02
CA GLU A 46 11.31 2.27 -7.08
C GLU A 46 10.29 2.28 -8.22
N LYS A 47 9.72 1.10 -8.54
CA LYS A 47 8.74 1.03 -9.63
C LYS A 47 7.48 1.81 -9.30
N VAL A 48 6.91 1.60 -8.10
CA VAL A 48 5.67 2.31 -7.81
C VAL A 48 5.97 3.80 -7.59
N GLN A 49 7.17 4.12 -7.13
CA GLN A 49 7.54 5.53 -6.99
C GLN A 49 7.64 6.22 -8.34
N ARG A 50 8.25 5.55 -9.33
CA ARG A 50 8.31 6.14 -10.66
C ARG A 50 6.92 6.33 -11.23
N PHE A 51 6.03 5.34 -11.05
CA PHE A 51 4.66 5.50 -11.53
C PHE A 51 4.00 6.74 -10.93
N PHE A 52 4.02 6.82 -9.59
CA PHE A 52 3.34 7.94 -8.93
C PHE A 52 3.96 9.26 -9.31
N ASP A 53 5.29 9.34 -9.31
CA ASP A 53 6.00 10.54 -9.70
C ASP A 53 5.59 11.02 -11.08
N ASP A 54 5.55 10.10 -12.06
CA ASP A 54 5.16 10.49 -13.42
C ASP A 54 3.73 11.06 -13.42
N GLU A 55 2.83 10.41 -12.68
CA GLU A 55 1.43 10.83 -12.69
C GLU A 55 1.23 12.20 -12.02
N ILE A 56 1.87 12.45 -10.88
CA ILE A 56 1.65 13.75 -10.23
C ILE A 56 2.37 14.85 -10.99
N LYS A 57 3.47 14.54 -11.70
CA LYS A 57 4.09 15.62 -12.46
C LYS A 57 3.20 16.06 -13.61
N LYS A 58 2.44 15.14 -14.19
CA LYS A 58 1.42 15.57 -15.15
C LYS A 58 0.41 16.52 -14.52
N MET A 59 0.17 16.43 -13.22
CA MET A 59 -0.76 17.32 -12.54
C MET A 59 -0.14 18.65 -12.14
N GLY A 60 1.13 18.89 -12.45
CA GLY A 60 1.77 20.10 -12.02
C GLY A 60 2.42 20.01 -10.65
N VAL A 61 2.44 18.85 -10.02
CA VAL A 61 3.09 18.70 -8.72
C VAL A 61 4.60 18.59 -8.93
N GLU A 62 5.38 19.32 -8.14
CA GLU A 62 6.83 19.28 -8.24
C GLU A 62 7.42 18.75 -6.94
N ASN A 63 8.54 18.03 -7.06
CA ASN A 63 9.18 17.50 -5.87
C ASN A 63 10.10 18.55 -5.23
N SER A 64 10.42 18.30 -3.96
CA SER A 64 11.16 19.25 -3.13
C SER A 64 11.78 18.44 -2.00
N TYR A 65 12.52 19.13 -1.13
CA TYR A 65 13.06 18.46 0.05
C TYR A 65 13.13 19.47 1.19
N PHE A 66 12.34 19.21 2.26
CA PHE A 66 12.27 19.95 3.51
C PHE A 66 13.00 19.19 4.61
N PRO A 67 13.49 19.93 5.60
CA PRO A 67 14.37 19.31 6.62
C PRO A 67 13.66 18.23 7.42
N MET A 68 14.46 17.31 7.94
CA MET A 68 13.87 16.23 8.73
C MET A 68 13.61 16.63 10.16
N PHE A 69 14.08 17.81 10.57
CA PHE A 69 13.94 18.32 11.94
C PHE A 69 12.91 19.43 11.98
N VAL A 70 12.17 19.50 13.09
CA VAL A 70 11.24 20.60 13.32
C VAL A 70 11.43 21.11 14.74
N SER A 71 11.40 22.43 14.91
CA SER A 71 11.58 22.98 16.24
C SER A 71 10.35 22.71 17.11
N ARG A 72 10.58 22.70 18.42
CA ARG A 72 9.49 22.43 19.35
C ARG A 72 8.34 23.40 19.15
N HIS A 73 8.66 24.69 19.00
CA HIS A 73 7.63 25.73 18.85
C HIS A 73 6.80 25.51 17.60
N LYS A 74 7.44 25.18 16.49
CA LYS A 74 6.70 25.01 15.24
C LYS A 74 5.84 23.74 15.28
N LEU A 75 6.34 22.69 15.86
CA LEU A 75 5.58 21.46 15.90
C LEU A 75 4.38 21.50 16.79
N GLU A 76 4.52 22.06 17.98
CA GLU A 76 3.45 22.15 18.95
C GLU A 76 2.68 23.36 18.61
N LYS A 77 1.77 23.20 17.67
CA LYS A 77 1.01 24.27 17.10
C LYS A 77 -0.13 23.73 16.27
N PHE A 85 -0.27 11.07 19.64
CA PHE A 85 0.66 11.75 18.73
C PHE A 85 1.97 12.11 19.41
N SER A 86 1.89 12.97 20.42
CA SER A 86 3.11 13.50 21.04
C SER A 86 4.00 12.42 21.65
N PRO A 87 3.49 11.31 22.21
CA PRO A 87 4.41 10.24 22.65
C PRO A 87 5.10 9.52 21.49
N GLU A 88 4.61 9.67 20.26
CA GLU A 88 5.20 9.04 19.10
C GLU A 88 6.32 9.86 18.47
N VAL A 89 6.55 11.08 18.93
CA VAL A 89 7.54 11.96 18.32
C VAL A 89 8.91 11.70 18.95
N ALA A 90 9.89 11.35 18.13
CA ALA A 90 11.26 11.16 18.62
C ALA A 90 11.96 12.51 18.72
N TRP A 91 12.61 12.77 19.86
CA TRP A 91 13.22 14.06 20.11
C TRP A 91 14.74 13.93 20.13
N VAL A 92 15.40 14.78 19.35
CA VAL A 92 16.84 14.96 19.44
C VAL A 92 17.10 15.98 20.52
N THR A 93 17.90 15.60 21.52
CA THR A 93 18.17 16.49 22.64
C THR A 93 19.63 16.80 22.82
N HIS A 94 20.54 16.04 22.21
CA HIS A 94 21.96 16.28 22.44
C HIS A 94 22.73 16.13 21.14
N TYR A 95 23.85 16.83 21.03
CA TYR A 95 24.80 16.74 19.93
C TYR A 95 26.01 16.22 20.66
N GLY A 96 26.39 15.00 20.38
CA GLY A 96 27.43 14.36 21.14
C GLY A 96 26.86 14.27 22.55
N ASP A 97 27.62 14.65 23.55
CA ASP A 97 27.12 14.59 24.91
C ASP A 97 26.70 15.96 25.43
N SER A 98 26.74 16.94 24.56
CA SER A 98 26.34 18.29 24.88
C SER A 98 24.85 18.53 24.52
N PRO A 99 24.11 19.25 25.35
CA PRO A 99 22.70 19.47 25.09
C PRO A 99 22.46 20.58 24.16
N LEU A 100 21.32 20.55 23.49
CA LEU A 100 20.91 21.61 22.61
C LEU A 100 20.06 22.54 23.42
N PRO A 101 20.10 23.82 23.13
CA PRO A 101 19.33 24.86 23.80
C PRO A 101 17.89 24.46 23.84
N GLU A 102 17.33 24.12 22.68
CA GLU A 102 15.97 23.61 22.59
C GLU A 102 16.04 22.28 21.83
N LYS A 103 15.33 21.29 22.34
CA LYS A 103 15.25 20.02 21.64
C LYS A 103 14.53 20.21 20.30
N ILE A 104 14.81 19.30 19.36
CA ILE A 104 14.20 19.33 18.05
C ILE A 104 13.65 17.95 17.73
N ALA A 105 12.54 17.90 16.99
CA ALA A 105 11.84 16.64 16.73
C ALA A 105 12.13 16.13 15.32
N ILE A 106 12.13 14.81 15.19
CA ILE A 106 12.18 14.19 13.86
C ILE A 106 10.78 14.14 13.28
N ARG A 107 10.65 14.51 12.01
CA ARG A 107 9.36 14.65 11.37
C ARG A 107 8.52 13.38 11.52
N PRO A 108 7.32 13.48 12.10
CA PRO A 108 6.33 12.42 11.94
C PRO A 108 5.49 12.60 10.69
N THR A 109 5.62 13.77 10.07
CA THR A 109 4.85 14.27 8.93
C THR A 109 5.31 15.72 8.85
N SER A 110 5.11 16.42 7.73
CA SER A 110 5.83 17.69 7.57
C SER A 110 4.95 18.93 7.49
N GLU A 111 3.67 18.86 7.87
CA GLU A 111 2.82 20.05 7.85
C GLU A 111 3.49 21.25 8.52
N THR A 112 3.96 21.07 9.76
CA THR A 112 4.51 22.20 10.52
C THR A 112 5.88 22.64 10.02
N ILE A 113 6.53 21.83 9.18
CA ILE A 113 7.79 22.18 8.53
C ILE A 113 7.55 22.96 7.25
N MET A 114 6.55 22.56 6.46
CA MET A 114 6.32 23.18 5.15
C MET A 114 5.45 24.42 5.23
N TYR A 115 4.46 24.45 6.10
CA TYR A 115 3.42 25.48 5.96
C TYR A 115 3.87 26.90 6.34
N PRO A 116 4.86 27.09 7.23
CA PRO A 116 5.39 28.46 7.38
C PRO A 116 6.01 28.97 6.09
N ALA A 117 6.69 28.09 5.34
CA ALA A 117 7.21 28.45 4.03
C ALA A 117 6.07 28.82 3.09
N TYR A 118 5.01 28.00 3.06
CA TYR A 118 3.83 28.31 2.25
C TYR A 118 3.30 29.71 2.53
N ALA A 119 3.11 30.03 3.82
CA ALA A 119 2.67 31.36 4.19
C ALA A 119 3.56 32.44 3.62
N LYS A 120 4.87 32.18 3.53
CA LYS A 120 5.72 33.22 2.94
C LYS A 120 5.61 33.26 1.41
N TRP A 121 5.52 32.10 0.78
CA TRP A 121 5.56 31.99 -0.69
C TRP A 121 4.29 32.50 -1.35
N ILE A 122 3.15 32.38 -0.68
CA ILE A 122 1.84 32.67 -1.26
C ILE A 122 1.46 34.09 -0.88
N ARG A 123 1.32 34.95 -1.88
CA ARG A 123 0.88 36.33 -1.65
C ARG A 123 -0.28 36.73 -2.54
N SER A 124 -0.30 36.28 -3.79
CA SER A 124 -1.33 36.63 -4.75
C SER A 124 -2.01 35.39 -5.31
N HIS A 125 -3.25 35.57 -5.77
CA HIS A 125 -3.99 34.52 -6.45
C HIS A 125 -3.21 33.95 -7.63
N ARG A 126 -2.30 34.73 -8.21
CA ARG A 126 -1.46 34.21 -9.28
C ARG A 126 -0.36 33.29 -8.79
N ASP A 127 -0.18 33.16 -7.47
CA ASP A 127 0.73 32.17 -6.91
C ASP A 127 0.07 30.83 -6.68
N LEU A 128 -1.21 30.69 -7.01
CA LEU A 128 -1.97 29.48 -6.73
C LEU A 128 -2.45 28.85 -8.03
N PRO A 129 -2.58 27.51 -8.09
CA PRO A 129 -2.32 26.61 -6.97
C PRO A 129 -0.83 26.38 -6.74
N LEU A 130 -0.47 26.06 -5.50
CA LEU A 130 0.87 25.63 -5.14
C LEU A 130 0.81 24.14 -4.88
N LYS A 131 1.65 23.37 -5.58
CA LYS A 131 1.60 21.90 -5.51
C LYS A 131 2.99 21.35 -5.26
N LEU A 132 3.22 20.75 -4.08
CA LEU A 132 4.53 20.20 -3.78
C LEU A 132 4.40 18.78 -3.26
N ASN A 133 5.45 18.00 -3.48
CA ASN A 133 5.55 16.63 -2.96
C ASN A 133 6.97 16.42 -2.46
N GLN A 134 7.13 15.50 -1.51
CA GLN A 134 8.48 15.02 -1.27
C GLN A 134 8.45 13.53 -0.95
N TRP A 135 9.54 12.86 -1.34
CA TRP A 135 9.82 11.47 -1.00
C TRP A 135 10.84 11.46 0.12
N CYS A 136 10.54 10.78 1.22
CA CYS A 136 11.47 10.82 2.35
C CYS A 136 11.04 9.75 3.34
N SER A 137 11.68 9.70 4.49
CA SER A 137 11.17 8.83 5.54
C SER A 137 10.62 9.69 6.68
N VAL A 138 9.67 9.09 7.43
CA VAL A 138 9.22 9.69 8.67
C VAL A 138 9.30 8.64 9.78
N VAL A 139 9.21 9.15 11.01
CA VAL A 139 9.43 8.37 12.22
C VAL A 139 8.24 8.55 13.14
N ARG A 140 7.64 7.44 13.57
CA ARG A 140 6.54 7.44 14.53
C ARG A 140 6.88 6.39 15.57
N TRP A 141 7.24 6.83 16.78
CA TRP A 141 7.88 5.94 17.74
C TRP A 141 6.85 5.30 18.68
N GLU A 142 6.21 4.23 18.21
CA GLU A 142 5.28 3.48 19.03
CA GLU A 142 5.28 3.49 19.04
C GLU A 142 5.98 2.30 19.71
N PHE A 143 5.49 1.95 20.90
CA PHE A 143 6.07 0.84 21.66
C PHE A 143 5.40 -0.51 21.38
N LYS A 144 4.38 -0.54 20.53
CA LYS A 144 3.70 -1.79 20.21
C LYS A 144 4.55 -2.62 19.24
N GLN A 145 4.12 -3.84 19.04
CA GLN A 145 4.81 -4.79 18.19
C GLN A 145 4.78 -4.40 16.70
N PRO A 146 5.93 -4.31 16.06
CA PRO A 146 5.90 -3.89 14.65
C PRO A 146 5.57 -5.06 13.74
N THR A 147 5.18 -4.72 12.51
CA THR A 147 5.00 -5.70 11.44
C THR A 147 5.79 -5.19 10.24
N PRO A 148 6.73 -5.97 9.71
CA PRO A 148 7.46 -5.52 8.52
C PRO A 148 6.51 -4.97 7.45
N PHE A 149 6.91 -3.86 6.87
CA PHE A 149 6.16 -3.07 5.87
C PHE A 149 4.89 -2.44 6.43
N LEU A 150 4.10 -3.18 7.19
CA LEU A 150 2.77 -2.68 7.50
C LEU A 150 2.78 -1.63 8.61
N ARG A 151 3.61 -1.83 9.64
CA ARG A 151 3.57 -0.97 10.83
C ARG A 151 4.99 -0.92 11.41
N THR A 152 5.74 0.15 11.10
CA THR A 152 7.15 0.23 11.45
C THR A 152 7.42 1.62 12.02
N ARG A 153 8.50 1.74 12.80
CA ARG A 153 8.80 2.99 13.49
C ARG A 153 9.41 4.03 12.56
N GLU A 154 10.16 3.60 11.56
CA GLU A 154 10.57 4.45 10.44
C GLU A 154 10.00 3.85 9.17
N PHE A 155 9.47 4.70 8.29
CA PHE A 155 9.03 4.19 6.99
C PHE A 155 9.22 5.23 5.90
N LEU A 156 9.45 4.74 4.69
CA LEU A 156 9.51 5.57 3.49
C LEU A 156 8.11 5.97 3.06
N TRP A 157 7.94 7.19 2.57
CA TRP A 157 6.66 7.55 2.01
C TRP A 157 6.87 8.67 1.01
N GLN A 158 5.78 9.06 0.35
CA GLN A 158 5.67 10.42 -0.18
C GLN A 158 4.56 11.11 0.58
N GLU A 159 4.75 12.43 0.75
CA GLU A 159 3.69 13.31 1.23
C GLU A 159 3.56 14.47 0.26
N GLY A 160 2.36 14.67 -0.26
CA GLY A 160 2.03 15.81 -1.11
C GLY A 160 1.19 16.80 -0.33
N HIS A 161 1.39 18.09 -0.65
CA HIS A 161 0.77 19.21 0.06
C HIS A 161 0.47 20.27 -0.97
N THR A 162 -0.82 20.63 -1.10
CA THR A 162 -1.21 21.66 -2.08
C THR A 162 -2.09 22.72 -1.44
N ALA A 163 -2.14 23.87 -2.11
CA ALA A 163 -2.91 25.04 -1.68
C ALA A 163 -3.59 25.66 -2.89
N HIS A 164 -4.85 26.05 -2.74
CA HIS A 164 -5.69 26.48 -3.85
C HIS A 164 -6.49 27.72 -3.45
N ALA A 165 -6.98 28.43 -4.47
CA ALA A 165 -7.81 29.60 -4.22
C ALA A 165 -9.21 29.23 -3.74
N THR A 166 -9.73 28.04 -4.11
CA THR A 166 -11.08 27.68 -3.72
C THR A 166 -11.13 26.28 -3.13
N GLU A 167 -12.21 26.02 -2.39
CA GLU A 167 -12.42 24.70 -1.80
C GLU A 167 -12.71 23.67 -2.88
N GLU A 168 -13.48 24.05 -3.91
CA GLU A 168 -13.82 23.07 -4.94
C GLU A 168 -12.59 22.57 -5.69
N GLU A 169 -11.64 23.47 -5.98
CA GLU A 169 -10.43 23.04 -6.69
C GLU A 169 -9.59 22.12 -5.82
N ALA A 170 -9.46 22.45 -4.53
CA ALA A 170 -8.77 21.59 -3.58
C ALA A 170 -9.44 20.22 -3.50
N TRP A 171 -10.77 20.18 -3.44
CA TRP A 171 -11.50 18.93 -3.34
C TRP A 171 -11.33 18.07 -4.59
N GLU A 172 -11.34 18.70 -5.77
CA GLU A 172 -11.07 17.96 -6.98
C GLU A 172 -9.67 17.38 -6.97
N LEU A 173 -8.70 18.11 -6.42
CA LEU A 173 -7.35 17.53 -6.34
C LEU A 173 -7.34 16.34 -5.39
N VAL A 174 -8.05 16.44 -4.26
CA VAL A 174 -8.13 15.33 -3.30
C VAL A 174 -8.59 14.07 -4.01
N LEU A 175 -9.68 14.19 -4.78
CA LEU A 175 -10.20 13.03 -5.50
C LEU A 175 -9.25 12.53 -6.59
N ASP A 176 -8.59 13.46 -7.31
CA ASP A 176 -7.63 13.03 -8.34
C ASP A 176 -6.50 12.21 -7.73
N ILE A 177 -5.98 12.65 -6.58
CA ILE A 177 -4.91 11.93 -5.91
C ILE A 177 -5.42 10.57 -5.45
N LEU A 178 -6.63 10.52 -4.89
CA LEU A 178 -7.16 9.23 -4.44
C LEU A 178 -7.31 8.26 -5.60
N GLU A 179 -7.65 8.78 -6.80
CA GLU A 179 -7.70 7.92 -7.98
C GLU A 179 -6.30 7.45 -8.36
N LEU A 180 -5.29 8.30 -8.17
CA LEU A 180 -3.91 7.83 -8.38
C LEU A 180 -3.52 6.73 -7.41
N TYR A 181 -3.96 6.83 -6.14
CA TYR A 181 -3.68 5.76 -5.19
C TYR A 181 -4.42 4.48 -5.55
N ARG A 182 -5.67 4.60 -6.00
CA ARG A 182 -6.35 3.41 -6.50
C ARG A 182 -5.52 2.76 -7.60
N ARG A 183 -4.95 3.57 -8.50
CA ARG A 183 -4.17 3.00 -9.60
C ARG A 183 -2.86 2.40 -9.10
N TRP A 184 -2.21 3.05 -8.15
CA TRP A 184 -1.02 2.49 -7.51
C TRP A 184 -1.29 1.08 -6.99
N TYR A 185 -2.41 0.88 -6.30
CA TYR A 185 -2.66 -0.46 -5.74
C TYR A 185 -3.20 -1.42 -6.79
N GLU A 186 -4.25 -1.02 -7.51
CA GLU A 186 -4.94 -1.94 -8.40
C GLU A 186 -4.19 -2.15 -9.72
N GLU A 187 -3.68 -1.07 -10.32
CA GLU A 187 -3.04 -1.15 -11.62
C GLU A 187 -1.57 -1.61 -11.50
N CYS A 188 -0.83 -1.17 -10.49
CA CYS A 188 0.55 -1.62 -10.32
C CYS A 188 0.66 -2.89 -9.52
N LEU A 189 0.04 -2.91 -8.34
CA LEU A 189 0.23 -3.99 -7.38
C LEU A 189 -0.82 -5.08 -7.49
N ALA A 190 -1.85 -4.91 -8.33
CA ALA A 190 -2.94 -5.84 -8.51
C ALA A 190 -3.72 -6.10 -7.20
N VAL A 191 -3.79 -5.10 -6.34
CA VAL A 191 -4.49 -5.19 -5.06
C VAL A 191 -5.78 -4.38 -5.15
N PRO A 192 -6.95 -4.99 -4.93
CA PRO A 192 -8.19 -4.20 -4.96
C PRO A 192 -8.40 -3.38 -3.68
N VAL A 193 -8.92 -2.17 -3.86
CA VAL A 193 -9.17 -1.26 -2.75
C VAL A 193 -10.55 -0.64 -2.89
N ILE A 194 -11.04 -0.11 -1.76
CA ILE A 194 -12.36 0.52 -1.68
C ILE A 194 -12.13 1.98 -1.34
N LYS A 195 -12.61 2.86 -2.21
CA LYS A 195 -12.55 4.29 -1.93
C LYS A 195 -13.65 4.66 -0.95
N GLY A 196 -13.31 5.54 -0.01
CA GLY A 196 -14.35 5.97 0.90
C GLY A 196 -13.88 7.19 1.66
N GLU A 197 -14.78 7.70 2.49
CA GLU A 197 -14.48 8.79 3.40
C GLU A 197 -14.41 8.24 4.81
N LYS A 198 -13.47 8.76 5.60
CA LYS A 198 -13.36 8.36 6.99
C LYS A 198 -14.46 8.97 7.84
N SER A 199 -14.82 8.28 8.92
CA SER A 199 -15.74 8.81 9.91
C SER A 199 -15.13 10.02 10.60
N GLU A 200 -15.99 10.80 11.28
CA GLU A 200 -15.51 11.98 11.99
C GLU A 200 -14.50 11.62 13.06
N GLY A 201 -14.67 10.46 13.70
CA GLY A 201 -13.73 10.01 14.71
C GLY A 201 -12.44 9.44 14.18
N GLU A 202 -12.43 8.97 12.93
CA GLU A 202 -11.22 8.38 12.35
C GLU A 202 -10.46 9.33 11.44
N LYS A 203 -11.07 10.43 10.99
CA LYS A 203 -10.42 11.32 10.04
C LYS A 203 -9.24 12.04 10.68
N PHE A 204 -8.38 12.60 9.84
CA PHE A 204 -7.28 13.43 10.31
C PHE A 204 -7.84 14.64 11.06
N ALA A 205 -7.42 14.81 12.31
CA ALA A 205 -7.98 15.85 13.16
C ALA A 205 -7.79 17.25 12.57
N GLY A 206 -6.62 17.52 11.98
CA GLY A 206 -6.37 18.85 11.50
C GLY A 206 -7.08 19.23 10.21
N GLY A 207 -7.82 18.31 9.60
CA GLY A 207 -8.46 18.52 8.33
C GLY A 207 -9.98 18.59 8.43
N LYS A 208 -10.59 18.80 7.28
CA LYS A 208 -12.04 18.88 7.08
C LYS A 208 -12.64 17.51 6.76
N LYS A 209 -12.04 16.79 5.80
CA LYS A 209 -12.53 15.48 5.39
C LYS A 209 -11.37 14.63 4.93
N THR A 210 -11.33 13.38 5.37
CA THR A 210 -10.26 12.46 4.97
C THR A 210 -10.87 11.41 4.05
N THR A 211 -10.33 11.28 2.84
CA THR A 211 -10.68 10.18 1.95
C THR A 211 -9.56 9.15 2.02
N THR A 212 -9.92 7.91 1.69
CA THR A 212 -9.04 6.79 1.92
C THR A 212 -9.32 5.74 0.87
N VAL A 213 -8.33 4.88 0.61
CA VAL A 213 -8.57 3.60 -0.04
C VAL A 213 -8.21 2.53 0.98
N GLU A 214 -9.08 1.54 1.11
CA GLU A 214 -8.89 0.50 2.12
C GLU A 214 -8.75 -0.86 1.45
N ALA A 215 -7.84 -1.67 1.97
CA ALA A 215 -7.61 -3.03 1.52
C ALA A 215 -8.01 -4.02 2.63
N PHE A 216 -7.98 -5.31 2.30
CA PHE A 216 -8.46 -6.34 3.21
C PHE A 216 -7.49 -7.51 3.20
N ILE A 217 -7.15 -8.03 4.37
CA ILE A 217 -6.28 -9.20 4.52
C ILE A 217 -7.16 -10.35 5.00
N PRO A 218 -7.50 -11.27 4.09
CA PRO A 218 -8.44 -12.35 4.44
C PRO A 218 -7.95 -13.26 5.55
N GLU A 219 -6.64 -13.48 5.63
CA GLU A 219 -6.16 -14.53 6.53
C GLU A 219 -6.36 -14.16 7.99
N ASN A 220 -6.29 -12.87 8.35
CA ASN A 220 -6.63 -12.45 9.69
C ASN A 220 -7.91 -11.62 9.75
N GLY A 221 -8.60 -11.45 8.62
CA GLY A 221 -9.85 -10.72 8.61
C GLY A 221 -9.72 -9.22 8.82
N ARG A 222 -8.55 -8.62 8.63
CA ARG A 222 -8.34 -7.24 9.01
CA ARG A 222 -8.32 -7.23 9.00
C ARG A 222 -8.37 -6.31 7.79
N GLY A 223 -9.08 -5.20 7.93
CA GLY A 223 -8.94 -4.12 6.98
C GLY A 223 -7.65 -3.36 7.26
N ILE A 224 -7.12 -2.72 6.22
CA ILE A 224 -5.91 -1.92 6.41
C ILE A 224 -6.01 -0.68 5.51
N GLN A 225 -5.70 0.48 6.07
CA GLN A 225 -5.70 1.68 5.24
C GLN A 225 -4.51 1.64 4.27
N ALA A 226 -4.79 1.79 2.96
CA ALA A 226 -3.77 1.67 1.93
C ALA A 226 -3.11 3.00 1.59
N ALA A 227 -3.87 4.09 1.57
CA ALA A 227 -3.34 5.42 1.31
C ALA A 227 -4.42 6.41 1.71
N THR A 228 -4.06 7.70 1.72
CA THR A 228 -4.94 8.69 2.30
C THR A 228 -4.80 10.03 1.55
N SER A 229 -5.91 10.73 1.42
CA SER A 229 -5.95 12.04 0.75
C SER A 229 -6.91 12.96 1.50
N HIS A 230 -6.38 14.04 2.11
CA HIS A 230 -7.17 14.87 3.01
C HIS A 230 -7.56 16.17 2.33
N LEU A 231 -8.83 16.54 2.49
CA LEU A 231 -9.25 17.92 2.24
C LEU A 231 -9.02 18.68 3.54
N LEU A 232 -8.00 19.54 3.56
CA LEU A 232 -7.70 20.28 4.77
C LEU A 232 -8.54 21.54 4.86
N GLY A 233 -9.03 22.03 3.73
CA GLY A 233 -9.84 23.25 3.82
C GLY A 233 -8.96 24.40 4.26
N THR A 234 -9.50 25.29 5.10
CA THR A 234 -8.77 26.46 5.54
C THR A 234 -8.20 26.34 6.95
N ASN A 235 -8.23 25.16 7.58
CA ASN A 235 -7.83 25.04 8.98
C ASN A 235 -6.35 25.38 9.16
N PHE A 236 -5.49 24.74 8.38
CA PHE A 236 -4.06 25.02 8.47
C PHE A 236 -3.74 26.41 7.96
N ALA A 237 -4.58 26.96 7.07
CA ALA A 237 -4.36 28.31 6.55
C ALA A 237 -4.50 29.35 7.66
N LYS A 238 -5.48 29.19 8.55
CA LYS A 238 -5.61 30.07 9.70
C LYS A 238 -4.49 29.81 10.70
N MET A 239 -4.20 28.53 10.97
CA MET A 239 -3.10 28.21 11.90
C MET A 239 -1.79 28.87 11.49
N PHE A 240 -1.45 28.84 10.20
CA PHE A 240 -0.15 29.33 9.74
C PHE A 240 -0.24 30.64 8.97
N GLU A 241 -1.42 31.26 8.90
CA GLU A 241 -1.61 32.55 8.24
C GLU A 241 -1.19 32.49 6.77
N ILE A 242 -1.72 31.52 6.05
CA ILE A 242 -1.46 31.38 4.62
C ILE A 242 -2.63 32.03 3.90
N GLU A 243 -2.40 33.20 3.31
CA GLU A 243 -3.46 33.97 2.66
C GLU A 243 -2.96 34.48 1.32
N PHE A 244 -3.91 34.72 0.43
CA PHE A 244 -3.62 35.27 -0.90
C PHE A 244 -4.55 36.45 -1.14
N GLU A 245 -4.17 37.30 -2.08
CA GLU A 245 -4.98 38.44 -2.48
C GLU A 245 -5.69 38.14 -3.80
N ASP A 246 -6.98 38.44 -3.88
CA ASP A 246 -7.67 38.37 -5.17
C ASP A 246 -7.29 39.57 -6.02
N GLU A 247 -7.77 39.58 -7.26
CA GLU A 247 -7.49 40.76 -8.08
C GLU A 247 -8.24 41.99 -7.59
N GLU A 248 -9.22 41.82 -6.69
CA GLU A 248 -9.80 42.97 -6.02
C GLU A 248 -8.87 43.54 -4.98
N GLY A 249 -8.05 42.69 -4.34
CA GLY A 249 -7.15 43.12 -3.29
C GLY A 249 -7.51 42.64 -1.91
N HIS A 250 -8.53 41.84 -1.80
CA HIS A 250 -8.90 41.33 -0.52
C HIS A 250 -8.15 40.08 -0.21
N LYS A 251 -7.72 39.94 1.04
CA LYS A 251 -6.99 38.80 1.48
C LYS A 251 -7.91 37.68 1.89
N ARG A 252 -7.60 36.49 1.40
CA ARG A 252 -8.39 35.30 1.66
C ARG A 252 -7.55 34.09 2.04
N LEU A 253 -8.07 33.21 2.88
CA LEU A 253 -7.35 32.01 3.24
C LEU A 253 -7.31 31.02 2.07
N VAL A 254 -6.19 30.32 1.96
CA VAL A 254 -6.06 29.27 0.95
C VAL A 254 -6.83 28.02 1.40
N HIS A 255 -7.07 27.12 0.45
CA HIS A 255 -7.74 25.85 0.73
C HIS A 255 -6.74 24.76 0.43
N GLN A 256 -6.51 23.85 1.39
CA GLN A 256 -5.36 22.97 1.28
C GLN A 256 -5.77 21.50 1.24
N THR A 257 -4.82 20.72 0.71
CA THR A 257 -4.83 19.26 0.70
C THR A 257 -3.49 18.73 1.21
N SER A 258 -3.51 17.49 1.74
CA SER A 258 -2.30 16.73 1.91
C SER A 258 -2.65 15.25 1.70
N TRP A 259 -1.63 14.47 1.36
CA TRP A 259 -1.89 13.10 0.93
C TRP A 259 -0.63 12.27 1.05
N GLY A 260 -0.76 10.98 1.34
CA GLY A 260 0.47 10.22 1.49
C GLY A 260 0.27 8.75 1.25
N CYS A 261 1.38 8.09 0.96
CA CYS A 261 1.29 6.64 0.78
C CYS A 261 2.69 6.09 1.05
N THR A 262 2.76 4.85 1.61
CA THR A 262 4.01 4.38 2.20
C THR A 262 4.40 2.99 1.68
N THR A 263 5.54 2.51 2.16
CA THR A 263 5.98 1.15 1.86
C THR A 263 5.05 0.08 2.44
N ARG A 264 4.08 0.47 3.27
CA ARG A 264 2.99 -0.45 3.62
C ARG A 264 2.42 -1.12 2.38
N SER A 265 2.37 -0.37 1.27
CA SER A 265 1.80 -0.92 0.04
C SER A 265 2.52 -2.20 -0.37
N LEU A 266 3.85 -2.26 -0.21
CA LEU A 266 4.55 -3.50 -0.53
C LEU A 266 4.04 -4.66 0.32
N GLY A 267 3.91 -4.44 1.64
CA GLY A 267 3.41 -5.51 2.50
C GLY A 267 2.04 -5.97 2.06
N VAL A 268 1.17 -5.03 1.68
CA VAL A 268 -0.17 -5.43 1.28
C VAL A 268 -0.09 -6.29 0.02
N MET A 269 0.75 -5.89 -0.93
CA MET A 269 0.91 -6.69 -2.14
C MET A 269 1.39 -8.08 -1.79
N ILE A 270 2.38 -8.17 -0.88
CA ILE A 270 2.95 -9.48 -0.54
C ILE A 270 1.87 -10.38 0.02
N MET A 271 1.06 -9.84 0.93
CA MET A 271 0.08 -10.68 1.62
C MET A 271 -1.03 -11.07 0.67
N THR A 272 -1.33 -10.21 -0.31
CA THR A 272 -2.48 -10.48 -1.16
C THR A 272 -2.19 -11.64 -2.11
N HIS A 273 -1.00 -11.67 -2.72
CA HIS A 273 -0.74 -12.59 -3.81
C HIS A 273 0.10 -13.80 -3.42
N GLY A 274 0.75 -13.80 -2.26
CA GLY A 274 1.62 -14.91 -1.91
C GLY A 274 0.86 -16.21 -1.75
N ASP A 275 1.59 -17.32 -1.86
CA ASP A 275 1.03 -18.66 -1.64
C ASP A 275 2.02 -19.48 -0.81
N ASP A 276 1.77 -20.80 -0.74
CA ASP A 276 2.58 -21.62 0.16
C ASP A 276 4.04 -21.69 -0.27
N LYS A 277 4.31 -21.54 -1.57
CA LYS A 277 5.69 -21.55 -2.01
C LYS A 277 6.42 -20.23 -1.76
N GLY A 278 5.69 -19.17 -1.43
CA GLY A 278 6.35 -17.91 -1.13
C GLY A 278 5.76 -16.74 -1.91
N LEU A 279 6.61 -15.77 -2.26
CA LEU A 279 6.14 -14.57 -2.95
C LEU A 279 5.57 -14.89 -4.32
N VAL A 280 4.60 -14.07 -4.73
CA VAL A 280 4.15 -13.97 -6.12
C VAL A 280 4.06 -12.48 -6.41
N ILE A 281 4.88 -12.00 -7.36
CA ILE A 281 4.98 -10.56 -7.65
C ILE A 281 4.24 -10.27 -8.94
N PRO A 282 3.29 -9.34 -8.96
CA PRO A 282 2.62 -8.96 -10.22
C PRO A 282 3.63 -8.54 -11.27
N PRO A 283 3.47 -8.99 -12.51
CA PRO A 283 4.44 -8.66 -13.56
C PRO A 283 4.74 -7.18 -13.73
N ARG A 284 3.77 -6.30 -13.48
CA ARG A 284 4.03 -4.88 -13.75
C ARG A 284 5.03 -4.27 -12.79
N VAL A 285 5.31 -4.89 -11.65
CA VAL A 285 6.31 -4.37 -10.73
C VAL A 285 7.47 -5.32 -10.49
N ALA A 286 7.44 -6.53 -11.05
CA ALA A 286 8.53 -7.47 -10.84
C ALA A 286 9.81 -6.94 -11.48
N SER A 287 10.90 -6.93 -10.71
CA SER A 287 12.16 -6.49 -11.30
C SER A 287 12.70 -7.52 -12.27
N VAL A 288 12.48 -8.81 -12.01
CA VAL A 288 12.69 -9.87 -13.00
C VAL A 288 11.32 -10.42 -13.35
N GLN A 289 10.88 -10.17 -14.60
CA GLN A 289 9.62 -10.72 -15.06
C GLN A 289 9.78 -12.15 -15.56
N VAL A 290 10.88 -12.44 -16.25
CA VAL A 290 11.15 -13.76 -16.80
C VAL A 290 12.54 -14.17 -16.34
N VAL A 291 12.65 -15.33 -15.69
CA VAL A 291 13.95 -15.91 -15.43
C VAL A 291 14.17 -17.05 -16.43
N ILE A 292 15.33 -17.04 -17.08
CA ILE A 292 15.69 -18.04 -18.08
C ILE A 292 16.63 -19.02 -17.42
N ILE A 293 16.24 -20.30 -17.42
CA ILE A 293 17.01 -21.36 -16.77
C ILE A 293 17.48 -22.34 -17.84
N PRO A 294 18.76 -22.32 -18.21
CA PRO A 294 19.24 -23.34 -19.14
C PRO A 294 19.37 -24.66 -18.42
N ILE A 295 19.00 -25.71 -19.12
CA ILE A 295 19.35 -27.06 -18.70
C ILE A 295 20.77 -27.32 -19.15
N LEU A 296 21.61 -27.80 -18.22
CA LEU A 296 23.05 -27.94 -18.43
C LEU A 296 23.50 -29.38 -18.13
N PHE A 297 23.03 -30.33 -18.92
CA PHE A 297 23.56 -31.68 -18.81
C PHE A 297 25.08 -31.65 -18.99
N LYS A 298 25.77 -32.58 -18.31
CA LYS A 298 27.20 -32.71 -18.57
C LYS A 298 27.45 -33.05 -20.03
N ASP A 299 26.61 -33.93 -20.57
CA ASP A 299 26.78 -34.47 -21.91
C ASP A 299 25.91 -33.70 -22.91
N GLU A 300 26.17 -32.41 -23.05
CA GLU A 300 25.45 -31.60 -24.01
C GLU A 300 26.34 -30.47 -24.50
N ASN A 301 25.91 -29.82 -25.59
CA ASN A 301 26.58 -28.63 -26.11
C ASN A 301 26.15 -27.43 -25.27
N THR A 302 26.80 -27.27 -24.11
CA THR A 302 26.37 -26.20 -23.20
C THR A 302 26.53 -24.82 -23.82
N GLY A 303 27.63 -24.60 -24.55
CA GLY A 303 27.83 -23.28 -25.15
C GLY A 303 26.69 -22.87 -26.07
N GLU A 304 26.19 -23.82 -26.87
CA GLU A 304 25.06 -23.59 -27.77
C GLU A 304 23.80 -23.21 -26.99
N ILE A 305 23.53 -23.93 -25.91
CA ILE A 305 22.34 -23.67 -25.09
C ILE A 305 22.42 -22.28 -24.45
N LEU A 306 23.57 -21.95 -23.87
CA LEU A 306 23.75 -20.63 -23.27
C LEU A 306 23.64 -19.53 -24.31
N GLY A 307 24.21 -19.76 -25.50
CA GLY A 307 24.11 -18.77 -26.57
C GLY A 307 22.67 -18.48 -26.94
N LYS A 308 21.87 -19.53 -27.10
CA LYS A 308 20.45 -19.32 -27.41
C LYS A 308 19.73 -18.61 -26.27
N CYS A 309 20.08 -18.92 -25.01
CA CYS A 309 19.48 -18.18 -23.90
C CYS A 309 19.79 -16.68 -24.03
N ARG A 310 21.02 -16.36 -24.44
CA ARG A 310 21.38 -14.94 -24.56
C ARG A 310 20.60 -14.28 -25.69
N GLU A 311 20.43 -14.99 -26.80
CA GLU A 311 19.65 -14.46 -27.92
C GLU A 311 18.21 -14.22 -27.51
N LEU A 312 17.61 -15.18 -26.80
CA LEU A 312 16.24 -15.01 -26.35
C LEU A 312 16.12 -13.84 -25.38
N LYS A 313 17.10 -13.67 -24.49
CA LYS A 313 17.07 -12.54 -23.59
C LYS A 313 17.05 -11.23 -24.36
N THR A 314 17.93 -11.11 -25.36
CA THR A 314 17.96 -9.89 -26.18
C THR A 314 16.63 -9.66 -26.87
N MET A 315 16.06 -10.71 -27.45
CA MET A 315 14.78 -10.61 -28.14
C MET A 315 13.66 -10.16 -27.20
N LEU A 316 13.63 -10.70 -25.98
CA LEU A 316 12.59 -10.32 -25.03
C LEU A 316 12.77 -8.89 -24.54
N GLU A 317 14.02 -8.48 -24.29
CA GLU A 317 14.29 -7.12 -23.84
C GLU A 317 13.95 -6.08 -24.90
N LYS A 318 14.04 -6.44 -26.18
CA LYS A 318 13.56 -5.50 -27.20
C LYS A 318 12.07 -5.23 -27.03
N ALA A 319 11.33 -6.16 -26.45
CA ALA A 319 9.92 -5.96 -26.09
C ALA A 319 9.74 -5.40 -24.69
N ASP A 320 10.80 -4.90 -24.07
CA ASP A 320 10.75 -4.28 -22.75
C ASP A 320 10.40 -5.28 -21.65
N ILE A 321 10.70 -6.56 -21.88
CA ILE A 321 10.55 -7.58 -20.85
C ILE A 321 11.83 -7.61 -20.04
N ARG A 322 11.71 -7.67 -18.71
CA ARG A 322 12.86 -7.66 -17.82
C ARG A 322 13.29 -9.11 -17.58
N VAL A 323 14.49 -9.47 -18.03
CA VAL A 323 14.95 -10.85 -18.09
C VAL A 323 16.21 -11.01 -17.25
N ARG A 324 16.33 -12.15 -16.57
CA ARG A 324 17.60 -12.59 -16.02
C ARG A 324 17.83 -14.04 -16.44
N ILE A 325 19.05 -14.36 -16.85
CA ILE A 325 19.47 -15.75 -17.07
C ILE A 325 20.17 -16.25 -15.81
N ASP A 326 19.71 -17.37 -15.27
CA ASP A 326 20.42 -18.03 -14.16
C ASP A 326 21.17 -19.21 -14.76
N ASP A 327 22.43 -18.98 -15.16
CA ASP A 327 23.24 -20.00 -15.81
C ASP A 327 24.25 -20.63 -14.86
N ARG A 328 24.03 -20.54 -13.55
CA ARG A 328 24.99 -21.09 -12.61
C ARG A 328 25.07 -22.60 -12.73
N SER A 329 26.28 -23.11 -13.02
CA SER A 329 26.45 -24.55 -13.18
C SER A 329 26.36 -25.30 -11.86
N ASN A 330 26.57 -24.63 -10.72
CA ASN A 330 26.71 -25.38 -9.48
C ASN A 330 25.38 -25.62 -8.77
N TYR A 331 24.27 -25.15 -9.33
CA TYR A 331 22.95 -25.48 -8.83
C TYR A 331 22.15 -26.23 -9.89
N THR A 332 21.33 -27.18 -9.42
CA THR A 332 20.46 -27.95 -10.29
C THR A 332 19.29 -27.10 -10.79
N PRO A 333 18.66 -27.49 -11.91
CA PRO A 333 17.44 -26.78 -12.31
C PRO A 333 16.34 -26.82 -11.25
N GLY A 334 16.15 -27.94 -10.55
CA GLY A 334 15.15 -27.96 -9.49
C GLY A 334 15.39 -26.92 -8.42
N TRP A 335 16.67 -26.78 -8.01
CA TRP A 335 17.02 -25.75 -7.03
C TRP A 335 16.68 -24.37 -7.54
N LYS A 336 16.95 -24.11 -8.82
CA LYS A 336 16.68 -22.80 -9.38
C LYS A 336 15.19 -22.55 -9.49
N TYR A 337 14.43 -23.57 -9.89
CA TYR A 337 12.98 -23.45 -9.94
C TYR A 337 12.46 -22.94 -8.60
N ASN A 338 12.85 -23.63 -7.53
CA ASN A 338 12.37 -23.22 -6.22
C ASN A 338 12.90 -21.84 -5.83
N HIS A 339 14.17 -21.58 -6.13
CA HIS A 339 14.77 -20.30 -5.74
C HIS A 339 14.00 -19.12 -6.33
N TRP A 340 13.67 -19.19 -7.63
CA TRP A 340 12.98 -18.06 -8.23
C TRP A 340 11.47 -18.07 -7.97
N GLU A 341 10.89 -19.24 -7.65
CA GLU A 341 9.51 -19.26 -7.16
C GLU A 341 9.39 -18.53 -5.82
N VAL A 342 10.30 -18.83 -4.89
CA VAL A 342 10.28 -18.21 -3.57
C VAL A 342 10.39 -16.70 -3.69
N LYS A 343 11.18 -16.22 -4.66
CA LYS A 343 11.31 -14.79 -4.89
C LYS A 343 10.17 -14.20 -5.71
N GLY A 344 9.23 -15.01 -6.18
CA GLY A 344 8.05 -14.49 -6.85
C GLY A 344 8.19 -14.08 -8.30
N VAL A 345 9.25 -14.49 -9.00
CA VAL A 345 9.36 -14.19 -10.43
C VAL A 345 8.15 -14.76 -11.17
N PRO A 346 7.44 -13.98 -11.99
CA PRO A 346 6.15 -14.46 -12.51
C PRO A 346 6.26 -15.50 -13.62
N LEU A 347 7.37 -15.56 -14.35
CA LEU A 347 7.51 -16.50 -15.45
C LEU A 347 8.90 -17.11 -15.40
N ARG A 348 8.99 -18.42 -15.57
CA ARG A 348 10.30 -18.99 -15.83
C ARG A 348 10.30 -19.66 -17.20
N LEU A 349 11.43 -19.54 -17.89
CA LEU A 349 11.63 -20.11 -19.21
C LEU A 349 12.75 -21.12 -19.11
N GLU A 350 12.46 -22.35 -19.51
CA GLU A 350 13.39 -23.48 -19.51
C GLU A 350 13.78 -23.79 -20.95
N LEU A 351 15.09 -24.01 -21.14
CA LEU A 351 15.66 -24.31 -22.45
C LEU A 351 16.77 -25.33 -22.31
N GLY A 352 16.54 -26.55 -22.83
CA GLY A 352 17.55 -27.58 -22.93
C GLY A 352 17.68 -28.06 -24.36
N PRO A 353 18.50 -29.09 -24.58
CA PRO A 353 18.77 -29.55 -25.97
C PRO A 353 17.53 -29.97 -26.74
N LYS A 354 16.52 -30.55 -26.06
CA LYS A 354 15.32 -31.00 -26.76
C LYS A 354 14.47 -29.81 -27.19
N ASP A 355 14.35 -28.81 -26.33
CA ASP A 355 13.65 -27.58 -26.72
C ASP A 355 14.34 -26.92 -27.90
N LEU A 356 15.67 -26.80 -27.83
CA LEU A 356 16.42 -26.20 -28.91
C LEU A 356 16.20 -26.96 -30.21
N ALA A 357 16.17 -28.30 -30.14
CA ALA A 357 15.95 -29.07 -31.35
C ALA A 357 14.54 -28.88 -31.90
N LYS A 358 13.56 -28.61 -31.03
CA LYS A 358 12.21 -28.31 -31.48
C LYS A 358 11.99 -26.84 -31.83
N GLY A 359 12.97 -25.98 -31.59
CA GLY A 359 12.80 -24.55 -31.80
C GLY A 359 11.78 -23.92 -30.87
N THR A 360 11.59 -24.48 -29.68
CA THR A 360 10.62 -23.95 -28.73
C THR A 360 11.26 -23.81 -27.35
N ALA A 361 10.54 -23.17 -26.45
CA ALA A 361 10.93 -23.04 -25.05
C ALA A 361 9.76 -23.44 -24.17
N ARG A 362 10.06 -23.90 -22.95
CA ARG A 362 8.98 -24.23 -22.02
C ARG A 362 8.85 -23.12 -20.99
N VAL A 363 7.63 -22.62 -20.79
CA VAL A 363 7.40 -21.46 -19.94
C VAL A 363 6.40 -21.85 -18.87
N VAL A 364 6.71 -21.52 -17.62
CA VAL A 364 5.86 -21.87 -16.48
C VAL A 364 5.51 -20.59 -15.73
N ARG A 365 4.22 -20.38 -15.51
CA ARG A 365 3.75 -19.19 -14.82
C ARG A 365 3.66 -19.49 -13.33
N ARG A 366 4.03 -18.49 -12.53
CA ARG A 366 4.22 -18.66 -11.11
C ARG A 366 2.90 -18.79 -10.36
N ASP A 367 1.84 -18.12 -10.84
CA ASP A 367 0.60 -18.06 -10.07
C ASP A 367 -0.13 -19.39 -10.07
N THR A 368 -0.23 -20.05 -11.22
CA THR A 368 -0.96 -21.31 -11.36
C THR A 368 -0.07 -22.50 -11.62
N GLY A 369 1.18 -22.31 -12.04
CA GLY A 369 2.01 -23.42 -12.44
C GLY A 369 1.73 -23.95 -13.83
N GLU A 370 0.79 -23.38 -14.58
CA GLU A 370 0.50 -23.88 -15.91
C GLU A 370 1.72 -23.74 -16.82
N ALA A 371 1.94 -24.74 -17.67
CA ALA A 371 3.10 -24.73 -18.54
C ALA A 371 2.70 -24.60 -20.02
N TYR A 372 3.57 -23.95 -20.78
CA TYR A 372 3.34 -23.67 -22.18
C TYR A 372 4.59 -24.02 -22.97
N GLN A 373 4.40 -24.46 -24.21
CA GLN A 373 5.49 -24.64 -25.15
C GLN A 373 5.32 -23.58 -26.21
N ILE A 374 6.28 -22.66 -26.32
CA ILE A 374 6.15 -21.50 -27.18
C ILE A 374 7.28 -21.50 -28.19
N SER A 375 6.94 -21.30 -29.46
CA SER A 375 7.95 -21.12 -30.49
C SER A 375 8.74 -19.86 -30.23
N TRP A 376 10.00 -19.88 -30.67
CA TRP A 376 10.86 -18.71 -30.45
C TRP A 376 10.30 -17.48 -31.15
N ALA A 377 9.68 -17.65 -32.32
CA ALA A 377 9.07 -16.50 -33.00
C ALA A 377 7.90 -15.93 -32.22
N ASP A 378 7.13 -16.77 -31.53
CA ASP A 378 5.97 -16.33 -30.78
C ASP A 378 6.29 -15.90 -29.35
N LEU A 379 7.56 -15.92 -28.95
CA LEU A 379 7.88 -15.79 -27.53
C LEU A 379 7.56 -14.40 -27.00
N ALA A 380 8.01 -13.34 -27.68
CA ALA A 380 7.79 -12.01 -27.13
C ALA A 380 6.31 -11.66 -27.05
N PRO A 381 5.50 -11.81 -28.10
CA PRO A 381 4.07 -11.50 -27.94
C PRO A 381 3.34 -12.43 -26.99
N LYS A 382 3.70 -13.72 -26.96
CA LYS A 382 3.00 -14.63 -26.07
C LYS A 382 3.34 -14.35 -24.61
N LEU A 383 4.59 -14.01 -24.32
CA LEU A 383 4.96 -13.65 -22.95
C LEU A 383 4.34 -12.33 -22.53
N LEU A 384 4.25 -11.35 -23.44
CA LEU A 384 3.54 -10.11 -23.11
C LEU A 384 2.09 -10.42 -22.73
N GLU A 385 1.45 -11.27 -23.53
CA GLU A 385 0.07 -11.64 -23.28
C GLU A 385 -0.08 -12.41 -21.97
N LEU A 386 0.88 -13.28 -21.67
CA LEU A 386 0.82 -14.04 -20.44
C LEU A 386 1.03 -13.15 -19.22
N MET A 387 1.92 -12.16 -19.32
CA MET A 387 2.12 -11.29 -18.16
C MET A 387 0.87 -10.46 -17.89
N GLU A 388 0.19 -10.03 -18.95
CA GLU A 388 -1.05 -9.30 -18.72
C GLU A 388 -2.14 -10.21 -18.16
N GLY A 389 -2.16 -11.47 -18.58
CA GLY A 389 -3.11 -12.42 -18.02
C GLY A 389 -2.83 -12.73 -16.55
N ILE A 390 -1.56 -12.89 -16.19
CA ILE A 390 -1.19 -13.14 -14.80
C ILE A 390 -1.60 -11.96 -13.93
N GLN A 391 -1.25 -10.74 -14.39
CA GLN A 391 -1.58 -9.51 -13.65
C GLN A 391 -3.09 -9.40 -13.41
N ARG A 392 -3.88 -9.61 -14.48
CA ARG A 392 -5.32 -9.51 -14.37
C ARG A 392 -5.90 -10.62 -13.50
N SER A 393 -5.38 -11.84 -13.61
CA SER A 393 -5.91 -12.94 -12.79
C SER A 393 -5.60 -12.72 -11.31
N LEU A 394 -4.38 -12.27 -10.99
CA LEU A 394 -4.04 -11.94 -9.61
C LEU A 394 -5.01 -10.91 -9.06
N PHE A 395 -5.28 -9.85 -9.84
CA PHE A 395 -6.22 -8.83 -9.38
C PHE A 395 -7.63 -9.39 -9.21
N GLU A 396 -8.14 -10.13 -10.19
CA GLU A 396 -9.53 -10.56 -10.14
C GLU A 396 -9.76 -11.57 -9.03
N LYS A 397 -8.77 -12.42 -8.72
CA LYS A 397 -8.97 -13.35 -7.61
C LYS A 397 -8.87 -12.63 -6.29
N ALA A 398 -7.96 -11.65 -6.18
CA ALA A 398 -7.94 -10.82 -4.98
C ALA A 398 -9.26 -10.09 -4.80
N LYS A 399 -9.84 -9.59 -5.90
CA LYS A 399 -11.09 -8.85 -5.83
C LYS A 399 -12.24 -9.76 -5.42
N ALA A 400 -12.23 -11.01 -5.91
CA ALA A 400 -13.22 -11.98 -5.45
C ALA A 400 -13.08 -12.27 -3.97
N ARG A 401 -11.84 -12.43 -3.47
CA ARG A 401 -11.67 -12.65 -2.04
C ARG A 401 -12.16 -11.44 -1.25
N LEU A 402 -11.92 -10.24 -1.76
CA LEU A 402 -12.42 -9.03 -1.11
C LEU A 402 -13.95 -9.05 -1.01
N HIS A 403 -14.63 -9.35 -2.13
CA HIS A 403 -16.09 -9.32 -2.12
CA HIS A 403 -16.09 -9.34 -2.13
C HIS A 403 -16.65 -10.40 -1.20
N GLU A 404 -16.01 -11.56 -1.15
CA GLU A 404 -16.51 -12.60 -0.25
C GLU A 404 -16.12 -12.35 1.21
N GLY A 405 -15.19 -11.43 1.47
CA GLY A 405 -14.87 -11.06 2.82
C GLY A 405 -15.73 -9.96 3.43
N ILE A 406 -16.76 -9.51 2.73
CA ILE A 406 -17.61 -8.43 3.19
C ILE A 406 -19.03 -8.96 3.31
N GLU A 407 -19.60 -8.88 4.50
CA GLU A 407 -20.99 -9.27 4.75
C GLU A 407 -21.83 -8.03 4.94
N LYS A 408 -22.89 -7.91 4.14
CA LYS A 408 -23.85 -6.82 4.33
C LYS A 408 -24.83 -7.22 5.42
N ILE A 409 -24.96 -6.39 6.45
CA ILE A 409 -25.79 -6.71 7.61
C ILE A 409 -26.78 -5.58 7.85
N SER A 410 -27.76 -5.86 8.71
CA SER A 410 -28.78 -4.87 9.07
C SER A 410 -28.94 -4.62 10.57
N THR A 411 -28.47 -5.51 11.45
CA THR A 411 -28.54 -5.26 12.89
C THR A 411 -27.24 -5.71 13.55
N PHE A 412 -27.02 -5.22 14.77
CA PHE A 412 -25.78 -5.48 15.49
C PHE A 412 -25.61 -6.95 15.83
N ASP A 413 -26.72 -7.69 15.88
CA ASP A 413 -26.66 -9.11 16.20
C ASP A 413 -25.81 -9.88 15.19
N GLU A 414 -25.67 -9.37 13.98
CA GLU A 414 -24.89 -10.04 12.96
C GLU A 414 -23.40 -9.69 13.02
N VAL A 415 -22.99 -8.75 13.87
CA VAL A 415 -21.61 -8.29 13.85
C VAL A 415 -20.66 -9.42 14.26
N MET A 416 -20.82 -9.92 15.49
CA MET A 416 -19.84 -10.89 16.00
C MET A 416 -19.74 -12.15 15.15
N PRO A 417 -20.84 -12.77 14.69
CA PRO A 417 -20.66 -13.92 13.79
C PRO A 417 -19.82 -13.60 12.57
N ALA A 418 -20.09 -12.45 11.92
CA ALA A 418 -19.31 -12.08 10.75
C ALA A 418 -17.85 -11.82 11.12
N LEU A 419 -17.60 -11.16 12.24
CA LEU A 419 -16.22 -10.96 12.65
C LEU A 419 -15.54 -12.29 12.93
N ASN A 420 -16.29 -13.26 13.46
CA ASN A 420 -15.69 -14.55 13.76
C ASN A 420 -15.35 -15.31 12.49
N ARG A 421 -16.05 -15.00 11.39
CA ARG A 421 -15.69 -15.52 10.07
C ARG A 421 -14.54 -14.73 9.44
N LYS A 422 -13.88 -13.86 10.20
CA LYS A 422 -12.81 -13.00 9.68
C LYS A 422 -13.31 -12.18 8.49
N HIS A 423 -14.49 -11.58 8.65
CA HIS A 423 -15.07 -10.75 7.61
C HIS A 423 -15.23 -9.31 8.07
N LEU A 424 -15.39 -8.42 7.10
CA LEU A 424 -15.87 -7.07 7.31
C LEU A 424 -17.39 -7.08 7.24
N VAL A 425 -18.01 -6.02 7.74
CA VAL A 425 -19.45 -5.84 7.63
C VAL A 425 -19.74 -4.49 6.98
N LEU A 426 -20.76 -4.45 6.13
CA LEU A 426 -21.29 -3.22 5.53
C LEU A 426 -22.68 -2.98 6.11
N ALA A 427 -22.83 -1.90 6.86
CA ALA A 427 -24.05 -1.72 7.65
C ALA A 427 -24.60 -0.31 7.48
N PRO A 428 -25.92 -0.16 7.52
CA PRO A 428 -26.48 1.20 7.54
C PRO A 428 -26.14 1.86 8.86
N TRP A 429 -25.61 3.09 8.80
CA TRP A 429 -25.15 3.77 9.98
C TRP A 429 -25.67 5.21 9.99
N CYS A 430 -25.99 5.69 11.22
CA CYS A 430 -26.44 7.06 11.45
C CYS A 430 -25.30 8.05 11.55
N GLU A 431 -24.06 7.56 11.66
CA GLU A 431 -22.84 8.36 11.60
C GLU A 431 -22.66 9.26 12.82
N ASP A 432 -23.34 8.96 13.92
CA ASP A 432 -23.10 9.70 15.16
C ASP A 432 -21.78 9.23 15.77
N PRO A 433 -20.83 10.14 16.03
CA PRO A 433 -19.50 9.70 16.52
C PRO A 433 -19.55 8.90 17.81
N GLU A 434 -20.39 9.33 18.76
CA GLU A 434 -20.54 8.60 20.01
C GLU A 434 -20.87 7.12 19.77
N SER A 435 -21.69 6.84 18.76
CA SER A 435 -22.03 5.45 18.46
C SER A 435 -20.81 4.66 18.02
N GLU A 436 -19.91 5.27 17.23
CA GLU A 436 -18.72 4.53 16.82
C GLU A 436 -17.88 4.13 18.02
N GLU A 437 -17.68 5.05 18.98
CA GLU A 437 -16.85 4.60 20.09
C GLU A 437 -17.59 3.59 20.99
N GLN A 438 -18.92 3.68 21.09
CA GLN A 438 -19.64 2.63 21.82
C GLN A 438 -19.44 1.28 21.13
N ILE A 439 -19.45 1.28 19.80
CA ILE A 439 -19.30 0.04 19.03
C ILE A 439 -17.91 -0.54 19.21
N LYS A 440 -16.87 0.31 19.16
CA LYS A 440 -15.51 -0.15 19.44
CA LYS A 440 -15.51 -0.14 19.44
C LYS A 440 -15.44 -0.85 20.79
N LYS A 441 -15.93 -0.18 21.84
CA LYS A 441 -15.80 -0.75 23.19
C LYS A 441 -16.59 -2.06 23.34
N GLU A 442 -17.80 -2.11 22.78
CA GLU A 442 -18.63 -3.31 22.94
C GLU A 442 -18.04 -4.50 22.19
N THR A 443 -17.58 -4.29 20.95
CA THR A 443 -17.01 -5.41 20.22
C THR A 443 -15.69 -5.86 20.82
N GLN A 444 -14.91 -4.94 21.41
CA GLN A 444 -13.72 -5.39 22.12
C GLN A 444 -14.11 -6.32 23.27
N LYS A 445 -15.10 -5.92 24.08
CA LYS A 445 -15.50 -6.76 25.22
C LYS A 445 -15.97 -8.14 24.73
N LEU A 446 -16.83 -8.16 23.71
CA LEU A 446 -17.34 -9.43 23.19
C LEU A 446 -16.20 -10.31 22.65
N SER A 447 -15.20 -9.69 22.04
CA SER A 447 -14.06 -10.44 21.51
C SER A 447 -13.26 -11.08 22.63
N GLU A 448 -13.07 -10.34 23.74
CA GLU A 448 -12.31 -10.90 24.86
C GLU A 448 -13.04 -12.10 25.46
N ILE A 449 -14.37 -12.00 25.60
CA ILE A 449 -15.14 -13.14 26.08
C ILE A 449 -14.95 -14.34 25.16
N GLN A 450 -15.08 -14.13 23.85
CA GLN A 450 -14.91 -15.24 22.90
C GLN A 450 -13.51 -15.84 23.00
N ALA A 451 -12.50 -15.00 23.25
CA ALA A 451 -11.14 -15.51 23.38
C ALA A 451 -11.01 -16.44 24.57
N ILE A 452 -11.68 -16.11 25.69
CA ILE A 452 -11.62 -16.99 26.85
C ILE A 452 -12.32 -18.31 26.54
N GLU A 453 -13.43 -18.26 25.81
CA GLU A 453 -14.07 -19.52 25.42
C GLU A 453 -13.23 -20.33 24.44
N ALA A 454 -12.33 -19.69 23.70
CA ALA A 454 -11.47 -20.41 22.76
C ALA A 454 -10.28 -21.12 23.42
N GLY A 455 -9.86 -20.69 24.59
CA GLY A 455 -8.63 -21.19 25.18
C GLY A 455 -7.39 -20.46 24.69
N MET A 461 -3.52 -7.52 17.36
CA MET A 461 -4.19 -8.49 18.21
C MET A 461 -5.47 -7.93 18.81
N THR A 462 -5.63 -6.62 18.81
CA THR A 462 -6.82 -6.06 19.42
C THR A 462 -8.08 -6.52 18.70
N GLY A 463 -9.12 -6.78 19.47
CA GLY A 463 -10.36 -7.24 18.91
C GLY A 463 -11.40 -6.23 18.51
N ALA A 464 -11.19 -4.97 18.78
CA ALA A 464 -12.23 -4.02 18.44
C ALA A 464 -12.55 -3.80 16.98
N MET A 465 -13.82 -3.62 16.68
CA MET A 465 -14.28 -3.31 15.34
C MET A 465 -14.50 -1.80 15.26
N LYS A 466 -13.98 -1.17 14.21
CA LYS A 466 -14.15 0.26 14.01
C LYS A 466 -14.61 0.50 12.58
N THR A 467 -14.96 1.76 12.26
CA THR A 467 -15.24 2.07 10.87
C THR A 467 -13.94 2.00 10.09
N LEU A 468 -14.01 1.42 8.90
CA LEU A 468 -12.91 1.53 7.95
C LEU A 468 -13.14 2.67 6.98
N CYS A 469 -14.34 2.75 6.40
CA CYS A 469 -14.63 3.94 5.62
C CYS A 469 -16.13 3.93 5.31
N ILE A 470 -16.62 5.10 4.91
CA ILE A 470 -17.94 5.20 4.32
C ILE A 470 -17.74 5.16 2.81
N PRO A 471 -18.02 4.04 2.15
CA PRO A 471 -17.66 3.89 0.73
C PRO A 471 -18.30 4.95 -0.16
N PHE A 472 -17.52 5.41 -1.15
CA PHE A 472 -18.08 6.23 -2.24
C PHE A 472 -19.20 5.49 -2.98
N ASP A 473 -18.98 4.21 -3.28
CA ASP A 473 -19.98 3.41 -3.97
C ASP A 473 -21.00 2.95 -2.95
N GLN A 474 -22.14 3.65 -2.88
CA GLN A 474 -23.16 3.39 -1.88
C GLN A 474 -24.22 2.46 -2.46
N PRO A 475 -24.50 1.32 -1.84
CA PRO A 475 -25.64 0.50 -2.26
C PRO A 475 -26.95 1.24 -2.04
N PRO A 476 -28.05 0.76 -2.61
CA PRO A 476 -29.35 1.40 -2.37
C PRO A 476 -29.68 1.44 -0.89
N MET A 477 -30.27 2.55 -0.46
CA MET A 477 -30.72 2.76 0.92
C MET A 477 -32.24 2.84 0.94
N PRO A 478 -32.94 1.71 1.12
CA PRO A 478 -34.40 1.75 1.25
C PRO A 478 -34.85 2.79 2.27
N GLU A 479 -35.96 3.46 1.95
CA GLU A 479 -36.53 4.48 2.82
C GLU A 479 -36.81 3.91 4.21
N GLY A 480 -36.44 4.68 5.24
CA GLY A 480 -36.68 4.27 6.60
C GLY A 480 -35.76 3.19 7.13
N THR A 481 -34.64 2.90 6.46
CA THR A 481 -33.66 2.00 7.04
C THR A 481 -33.11 2.60 8.33
N LYS A 482 -33.02 1.79 9.36
CA LYS A 482 -32.53 2.22 10.66
C LYS A 482 -31.03 1.90 10.82
N CYS A 483 -30.35 2.72 11.62
CA CYS A 483 -28.98 2.44 12.00
C CYS A 483 -28.88 1.07 12.67
N PHE A 484 -27.83 0.31 12.31
CA PHE A 484 -27.72 -1.06 12.80
C PHE A 484 -27.39 -1.15 14.28
N TYR A 485 -26.90 -0.06 14.89
CA TYR A 485 -26.56 -0.07 16.31
C TYR A 485 -27.46 0.82 17.15
N THR A 486 -27.77 2.03 16.71
CA THR A 486 -28.55 2.94 17.54
C THR A 486 -30.04 2.85 17.28
N GLY A 487 -30.45 2.32 16.13
CA GLY A 487 -31.84 2.33 15.74
C GLY A 487 -32.33 3.66 15.21
N LYS A 488 -31.50 4.71 15.24
CA LYS A 488 -31.84 6.02 14.70
C LYS A 488 -31.93 5.90 13.18
N PRO A 489 -32.49 6.88 12.48
CA PRO A 489 -32.51 6.80 11.02
C PRO A 489 -31.10 6.66 10.46
N ALA A 490 -30.93 5.69 9.58
CA ALA A 490 -29.64 5.45 8.96
C ALA A 490 -29.33 6.55 7.94
N LYS A 491 -28.06 6.87 7.81
CA LYS A 491 -27.63 7.87 6.84
C LYS A 491 -26.91 7.26 5.65
N ARG A 492 -25.88 6.45 5.89
CA ARG A 492 -25.15 5.86 4.75
C ARG A 492 -24.68 4.46 5.11
N TRP A 493 -24.43 3.66 4.08
CA TRP A 493 -23.74 2.39 4.29
C TRP A 493 -22.30 2.64 4.70
N THR A 494 -21.85 1.95 5.75
CA THR A 494 -20.51 2.10 6.29
C THR A 494 -19.82 0.74 6.40
N LEU A 495 -18.55 0.70 6.01
CA LEU A 495 -17.72 -0.49 6.07
C LEU A 495 -16.95 -0.49 7.39
N TRP A 496 -17.15 -1.56 8.16
CA TRP A 496 -16.56 -1.79 9.47
C TRP A 496 -15.77 -3.09 9.48
N GLY A 497 -14.77 -3.16 10.35
CA GLY A 497 -14.12 -4.44 10.60
C GLY A 497 -13.04 -4.28 11.64
N ARG A 498 -12.47 -5.41 12.04
CA ARG A 498 -11.18 -5.34 12.72
C ARG A 498 -10.15 -4.74 11.78
N SER A 499 -9.10 -4.15 12.35
CA SER A 499 -8.26 -3.32 11.51
C SER A 499 -6.82 -3.36 11.99
N TYR A 500 -5.92 -3.02 11.07
CA TYR A 500 -4.54 -2.70 11.42
C TYR A 500 -4.50 -1.26 11.97
N 1TI B . 3.66 2.43 9.81
C 1TI B . 4.64 1.60 7.75
O 1TI B . 1.86 3.48 12.69
C1 1TI B . 3.53 2.30 8.47
C10 1TI B . 5.28 0.04 15.50
C11 1TI B . 4.08 -0.54 15.82
C12 1TI B . 2.92 0.19 15.57
C13 1TI B . 3.00 1.45 15.00
C14 1TI B . 1.61 -0.36 16.00
C15 1TI B . 1.30 -1.66 16.43
C16 1TI B . -1.94 -0.37 16.64
C17 1TI B . 0.40 0.28 16.02
C18 1TI B . -0.71 4.71 8.73
C19 1TI B . -1.73 5.25 7.72
C2 1TI B . 2.42 2.79 7.80
C20 1TI B . -0.95 5.29 6.37
C21 1TI B . -1.85 4.91 5.26
C22 1TI B . 0.14 4.25 6.55
C23 1TI B . -0.31 6.68 6.07
C24 1TI B . 0.83 7.08 7.00
C25 1TI B . -1.20 7.75 5.59
C26 1TI B . -0.22 7.10 4.63
C3 1TI B . 1.41 3.41 8.52
C4 1TI B . 1.53 3.53 9.90
C5 1TI B . 2.68 3.03 10.50
C6 1TI B . 2.82 3.21 11.98
C7 1TI B . 4.32 3.30 13.89
C8 1TI B . 4.24 1.99 14.64
C9 1TI B . 5.39 1.27 14.89
F 1TI B . 6.42 -0.61 15.85
N1 1TI B . 4.07 3.11 12.46
N2 1TI B . 0.02 -1.81 16.71
N3 1TI B . -0.51 -0.59 16.45
N4 1TI B . 0.30 4.03 7.89
N5 1TI B . -2.55 4.57 4.43
O1 1TI B . 0.74 3.68 5.66
N1 9SF C . 0.60 10.66 12.92
C2 9SF C . -0.19 11.07 12.00
C5 9SF C . 1.74 13.96 14.18
C6 9SF C . 2.57 13.56 15.20
C7 9SF C . 2.76 12.21 15.47
C8 9SF C . 2.11 11.25 14.69
C10 9SF C . 1.08 13.01 13.40
C1' 9SF C . -1.35 12.71 10.58
C2' 9SF C . -0.95 13.60 6.76
C21 9SF C . -0.63 12.97 9.25
C3' 9SF C . -1.48 13.65 8.20
C39 9SF C . -0.70 12.19 6.24
C4 9SF C . 0.17 13.43 12.33
C4' 9SF C . -0.45 12.20 4.75
C5' 9SF C . 0.79 13.05 4.47
C6' 9SF C . 0.67 14.44 5.14
C9 9SF C . 1.27 11.65 13.66
N1' 9SF C . 0.29 14.36 6.56
N3 9SF C . -0.43 12.38 11.67
O11 9SF C . -0.02 14.59 12.00
O4' 9SF C . 0.53 12.70 9.07
O7' 9SF C . -1.81 11.36 6.59
N1 BCN D . -4.15 9.39 9.49
C1 BCN D . -3.15 8.92 8.54
C2 BCN D . -1.73 9.00 9.03
O21 BCN D . -1.06 9.97 8.57
O22 BCN D . -1.28 8.21 9.79
C3 BCN D . -3.59 10.37 10.41
C4 BCN D . -3.72 9.96 11.82
O4 BCN D . -4.21 11.06 12.53
C5 BCN D . -5.33 10.00 8.87
C6 BCN D . -6.33 8.99 8.48
O6 BCN D . -5.94 8.55 7.24
C1 GOL E . -16.46 19.63 -0.19
O1 GOL E . -16.56 20.64 -1.17
C2 GOL E . -17.60 18.64 -0.30
O2 GOL E . -18.06 18.52 -1.64
C3 GOL E . -17.11 17.29 0.17
O3 GOL E . -18.11 16.33 -0.13
C1 BME F . 1.77 0.52 -14.86
C2 BME F . 3.00 0.83 -14.01
O1 BME F . 0.73 1.42 -14.59
S2 BME F . 2.82 0.43 -12.22
C FMT G . 5.49 -4.73 -19.34
O1 FMT G . 6.70 -4.90 -19.54
O2 FMT G . 4.95 -4.83 -18.23
C FMT H . 0.49 -10.19 10.29
O1 FMT H . 1.46 -10.84 10.69
O2 FMT H . 0.23 -9.03 10.61
C FMT I . -17.36 11.66 -4.29
O1 FMT I . -18.19 11.19 -3.52
O2 FMT I . -16.79 11.03 -5.18
#